data_5KTP
#
_entry.id   5KTP
#
_cell.length_a   47.477
_cell.length_b   52.671
_cell.length_c   55.686
_cell.angle_alpha   90.00
_cell.angle_beta   112.41
_cell.angle_gamma   90.00
#
_symmetry.space_group_name_H-M   'P 1 21 1'
#
loop_
_entity.id
_entity.type
_entity.pdbx_description
1 polymer 'Quinolinate synthase A'
2 non-polymer 'IRON/SULFUR CLUSTER'
3 non-polymer 'CHLORIDE ION'
4 non-polymer '2-methylidenebutanedioic acid'
5 non-polymer 'AMMONIUM ION'
6 water water
#
_entity_poly.entity_id   1
_entity_poly.type   'polypeptide(L)'
_entity_poly.pdbx_seq_one_letter_code
;GSFTMDLVEEILRLKEERNAIILAHNYQLPEVQDIADFIGDSLELARRATRVDADVIVFAGVDFMAETAKILNPDKVVLI
PSREATCAMANMLKVEHILEAKRKYPNAPVVLYVNSTAEAKAYADVTVTSANAVEVVKKLDSDVVIFGPDKNLAHYVAKM
TGKKIIPVPSKGHCYVHQKFTLDDVERAKKLHPNAKLMIHPECIPEVQEKADIIASTGGMIKRACEWDEWVVFTEREMVY
RLRKLYPQKKFYPAREDAFCIGMKAITLKNIYESLKDMKYKVEVPEEIARKARKAIERMLEMSK
;
_entity_poly.pdbx_strand_id   A
#
loop_
_chem_comp.id
_chem_comp.type
_chem_comp.name
_chem_comp.formula
CL non-polymer 'CHLORIDE ION' 'Cl -1'
ITN non-polymer '2-methylidenebutanedioic acid' 'C5 H6 O4'
NH4 non-polymer 'AMMONIUM ION' 'H4 N 1'
SF4 non-polymer 'IRON/SULFUR CLUSTER' 'Fe4 S4'
#
# COMPACT_ATOMS: atom_id res chain seq x y z
N ASP A 6 -1.68 -27.08 15.20
CA ASP A 6 -2.46 -25.86 15.06
C ASP A 6 -1.50 -24.69 14.92
N LEU A 7 -1.38 -24.17 13.69
CA LEU A 7 -0.46 -23.07 13.45
C LEU A 7 -0.86 -21.84 14.24
N VAL A 8 -2.16 -21.61 14.43
CA VAL A 8 -2.60 -20.40 15.12
C VAL A 8 -2.11 -20.41 16.56
N GLU A 9 -2.24 -21.54 17.24
CA GLU A 9 -1.75 -21.60 18.62
C GLU A 9 -0.23 -21.52 18.68
N GLU A 10 0.46 -22.11 17.70
CA GLU A 10 1.92 -21.99 17.68
C GLU A 10 2.35 -20.55 17.46
N ILE A 11 1.68 -19.84 16.56
CA ILE A 11 2.02 -18.45 16.28
C ILE A 11 1.79 -17.60 17.51
N LEU A 12 0.68 -17.81 18.21
CA LEU A 12 0.38 -17.02 19.40
C LEU A 12 1.46 -17.20 20.46
N ARG A 13 1.92 -18.44 20.65
CA ARG A 13 2.97 -18.66 21.64
C ARG A 13 4.30 -18.05 21.20
N LEU A 14 4.64 -18.17 19.91
CA LEU A 14 5.88 -17.60 19.42
C LEU A 14 5.86 -16.08 19.47
N LYS A 15 4.70 -15.47 19.24
CA LYS A 15 4.59 -14.01 19.36
C LYS A 15 5.00 -13.57 20.76
N GLU A 16 4.51 -14.29 21.77
CA GLU A 16 4.87 -14.01 23.15
C GLU A 16 6.36 -14.24 23.39
N GLU A 17 6.88 -15.37 22.90
CA GLU A 17 8.27 -15.71 23.14
C GLU A 17 9.21 -14.71 22.50
N ARG A 18 8.85 -14.20 21.32
CA ARG A 18 9.70 -13.27 20.59
C ARG A 18 9.43 -11.81 20.92
N ASN A 19 8.43 -11.50 21.74
CA ASN A 19 8.00 -10.11 21.96
C ASN A 19 7.74 -9.43 20.62
N ALA A 20 6.87 -10.05 19.83
CA ALA A 20 6.66 -9.68 18.44
C ALA A 20 5.27 -9.10 18.25
N ILE A 21 5.15 -8.24 17.24
CA ILE A 21 3.88 -7.74 16.75
C ILE A 21 3.78 -8.13 15.29
N ILE A 22 2.58 -8.56 14.86
CA ILE A 22 2.31 -8.89 13.48
C ILE A 22 1.49 -7.77 12.86
N LEU A 23 2.05 -7.13 11.83
CA LEU A 23 1.39 -6.09 11.07
C LEU A 23 0.96 -6.68 9.74
N ALA A 24 -0.30 -6.48 9.37
CA ALA A 24 -0.81 -7.08 8.14
C ALA A 24 -1.44 -6.03 7.25
N HIS A 25 -1.19 -6.14 5.94
CA HIS A 25 -1.89 -5.29 5.00
C HIS A 25 -3.32 -5.82 4.77
N ASN A 26 -4.22 -4.90 4.37
CA ASN A 26 -5.62 -5.23 4.08
C ASN A 26 -5.81 -6.30 3.01
N TYR A 27 -4.79 -6.60 2.19
CA TYR A 27 -4.91 -7.60 1.13
C TYR A 27 -4.43 -8.97 1.57
N GLN A 28 -4.04 -9.13 2.83
CA GLN A 28 -3.60 -10.44 3.29
C GLN A 28 -4.77 -11.41 3.33
N LEU A 29 -4.43 -12.71 3.25
CA LEU A 29 -5.41 -13.77 3.35
C LEU A 29 -6.24 -13.61 4.61
N PRO A 30 -7.53 -13.97 4.57
CA PRO A 30 -8.34 -13.88 5.80
C PRO A 30 -7.70 -14.53 7.00
N GLU A 31 -7.13 -15.72 6.84
CA GLU A 31 -6.55 -16.42 7.98
C GLU A 31 -5.32 -15.71 8.52
N VAL A 32 -4.65 -14.91 7.70
CA VAL A 32 -3.55 -14.08 8.19
C VAL A 32 -4.07 -12.83 8.88
N GLN A 33 -5.06 -12.15 8.28
CA GLN A 33 -5.68 -11.03 8.96
C GLN A 33 -6.17 -11.43 10.33
N ASP A 34 -6.67 -12.68 10.46
CA ASP A 34 -7.25 -13.14 11.72
C ASP A 34 -6.22 -13.28 12.85
N ILE A 35 -4.92 -13.37 12.54
CA ILE A 35 -3.90 -13.49 13.59
C ILE A 35 -3.04 -12.25 13.70
N ALA A 36 -3.31 -11.21 12.91
CA ALA A 36 -2.52 -9.99 12.98
C ALA A 36 -2.93 -9.15 14.18
N ASP A 37 -1.95 -8.39 14.69
CA ASP A 37 -2.25 -7.45 15.76
C ASP A 37 -2.82 -6.14 15.24
N PHE A 38 -2.35 -5.71 14.08
CA PHE A 38 -2.79 -4.47 13.45
C PHE A 38 -2.93 -4.74 11.97
N ILE A 39 -3.97 -4.18 11.35
CA ILE A 39 -4.23 -4.33 9.92
C ILE A 39 -4.50 -2.94 9.35
N GLY A 40 -3.92 -2.66 8.19
CA GLY A 40 -4.15 -1.34 7.61
C GLY A 40 -3.60 -1.20 6.22
N ASP A 41 -3.67 0.04 5.70
CA ASP A 41 -3.17 0.40 4.38
C ASP A 41 -1.73 0.87 4.51
N SER A 42 -1.14 1.37 3.41
CA SER A 42 0.27 1.70 3.42
C SER A 42 0.57 2.82 4.42
N LEU A 43 -0.29 3.85 4.46
CA LEU A 43 -0.05 5.00 5.32
C LEU A 43 -0.24 4.65 6.80
N GLU A 44 -1.28 3.87 7.12
CA GLU A 44 -1.52 3.49 8.51
C GLU A 44 -0.42 2.58 9.03
N LEU A 45 0.02 1.63 8.21
CA LEU A 45 1.15 0.78 8.58
C LEU A 45 2.41 1.60 8.80
N ALA A 46 2.60 2.66 8.01
CA ALA A 46 3.75 3.53 8.24
C ALA A 46 3.64 4.25 9.57
N ARG A 47 2.48 4.86 9.85
CA ARG A 47 2.29 5.53 11.13
C ARG A 47 2.44 4.55 12.29
N ARG A 48 1.78 3.39 12.20
CA ARG A 48 1.83 2.41 13.27
C ARG A 48 3.25 1.96 13.57
N ALA A 49 4.12 1.96 12.54
CA ALA A 49 5.52 1.60 12.72
C ALA A 49 6.31 2.63 13.53
N THR A 50 5.74 3.79 13.85
CA THR A 50 6.43 4.77 14.67
C THR A 50 6.05 4.67 16.14
N ARG A 51 5.18 3.73 16.53
CA ARG A 51 4.87 3.50 17.94
C ARG A 51 4.97 2.01 18.27
N VAL A 52 5.96 1.34 17.70
CA VAL A 52 6.21 -0.06 18.01
C VAL A 52 6.99 -0.17 19.32
N ASP A 53 6.38 -0.77 20.33
CA ASP A 53 7.06 -1.11 21.59
C ASP A 53 7.69 -2.50 21.56
N ALA A 54 7.23 -3.36 20.67
CA ALA A 54 7.74 -4.72 20.54
C ALA A 54 9.18 -4.73 20.04
N ASP A 55 9.86 -5.87 20.25
CA ASP A 55 11.21 -6.06 19.75
C ASP A 55 11.25 -6.56 18.31
N VAL A 56 10.22 -7.25 17.85
CA VAL A 56 10.22 -7.88 16.55
C VAL A 56 8.94 -7.49 15.83
N ILE A 57 9.06 -7.12 14.56
CA ILE A 57 7.92 -6.84 13.69
C ILE A 57 7.91 -7.93 12.64
N VAL A 58 6.83 -8.70 12.57
CA VAL A 58 6.57 -9.59 11.45
C VAL A 58 5.65 -8.84 10.51
N PHE A 59 6.11 -8.59 9.29
CA PHE A 59 5.32 -7.79 8.34
C PHE A 59 4.65 -8.73 7.34
N ALA A 60 3.34 -8.92 7.52
CA ALA A 60 2.53 -9.70 6.57
C ALA A 60 2.09 -8.75 5.46
N GLY A 61 2.98 -8.57 4.50
CA GLY A 61 2.77 -7.69 3.38
C GLY A 61 3.91 -7.87 2.41
N VAL A 62 4.06 -6.92 1.48
CA VAL A 62 5.11 -7.07 0.47
C VAL A 62 6.39 -6.35 0.89
N ASP A 63 7.47 -6.57 0.14
CA ASP A 63 8.80 -6.18 0.61
C ASP A 63 8.93 -4.68 0.85
N PHE A 64 8.37 -3.84 -0.04
CA PHE A 64 8.54 -2.40 0.18
C PHE A 64 7.88 -1.95 1.47
N MET A 65 6.84 -2.66 1.91
CA MET A 65 6.17 -2.31 3.15
C MET A 65 7.02 -2.68 4.35
N ALA A 66 7.62 -3.87 4.31
CA ALA A 66 8.53 -4.27 5.38
C ALA A 66 9.74 -3.37 5.43
N GLU A 67 10.23 -2.94 4.27
CA GLU A 67 11.37 -2.01 4.24
C GLU A 67 11.01 -0.68 4.89
N THR A 68 9.82 -0.14 4.59
CA THR A 68 9.37 1.08 5.23
C THR A 68 9.33 0.92 6.74
N ALA A 69 8.85 -0.23 7.22
CA ALA A 69 8.87 -0.45 8.66
C ALA A 69 10.28 -0.47 9.21
N LYS A 70 11.22 -1.08 8.48
CA LYS A 70 12.60 -1.13 8.95
C LYS A 70 13.25 0.25 8.93
N ILE A 71 12.89 1.08 7.96
CA ILE A 71 13.45 2.43 7.88
C ILE A 71 13.03 3.23 9.11
N LEU A 72 11.82 2.99 9.60
CA LEU A 72 11.33 3.73 10.76
C LEU A 72 11.68 3.07 12.09
N ASN A 73 12.15 1.82 12.05
CA ASN A 73 12.53 1.07 13.26
C ASN A 73 13.88 0.40 13.03
N PRO A 74 14.94 1.19 12.85
CA PRO A 74 16.22 0.60 12.43
C PRO A 74 16.84 -0.35 13.43
N ASP A 75 16.55 -0.20 14.72
CA ASP A 75 17.15 -1.03 15.75
C ASP A 75 16.23 -2.13 16.24
N LYS A 76 15.14 -2.40 15.53
CA LYS A 76 14.27 -3.54 15.80
C LYS A 76 14.44 -4.58 14.69
N VAL A 77 14.10 -5.82 15.01
CA VAL A 77 14.15 -6.86 13.99
C VAL A 77 12.85 -6.82 13.20
N VAL A 78 12.97 -6.67 11.89
CA VAL A 78 11.81 -6.69 10.99
C VAL A 78 11.94 -7.93 10.11
N LEU A 79 10.90 -8.76 10.11
CA LEU A 79 10.89 -10.00 9.34
C LEU A 79 9.84 -9.95 8.25
N ILE A 80 10.20 -10.42 7.07
CA ILE A 80 9.23 -10.67 6.01
C ILE A 80 9.10 -12.18 5.85
N PRO A 81 7.89 -12.76 5.87
CA PRO A 81 7.78 -14.23 5.85
C PRO A 81 8.23 -14.88 4.56
N SER A 82 8.23 -14.16 3.45
CA SER A 82 8.72 -14.73 2.19
C SER A 82 9.34 -13.59 1.41
N ARG A 83 10.54 -13.80 0.86
CA ARG A 83 11.13 -12.77 0.02
C ARG A 83 10.50 -12.70 -1.36
N GLU A 84 9.58 -13.60 -1.69
CA GLU A 84 8.82 -13.52 -2.93
C GLU A 84 7.57 -12.65 -2.80
N ALA A 85 7.33 -12.07 -1.63
CA ALA A 85 6.22 -11.15 -1.44
C ALA A 85 6.68 -9.78 -1.94
N THR A 86 6.43 -9.51 -3.22
CA THR A 86 6.96 -8.32 -3.86
C THR A 86 5.85 -7.59 -4.61
N CYS A 87 6.11 -6.32 -4.94
CA CYS A 87 5.15 -5.45 -5.61
C CYS A 87 5.63 -5.18 -7.03
N ALA A 88 4.85 -5.66 -8.01
CA ALA A 88 5.23 -5.50 -9.40
C ALA A 88 5.26 -4.03 -9.81
N MET A 89 4.36 -3.21 -9.26
CA MET A 89 4.36 -1.79 -9.59
C MET A 89 5.60 -1.10 -9.04
N ALA A 90 5.94 -1.36 -7.78
CA ALA A 90 7.06 -0.69 -7.15
C ALA A 90 8.36 -1.02 -7.88
N ASN A 91 8.49 -2.25 -8.35
CA ASN A 91 9.69 -2.69 -9.06
C ASN A 91 9.87 -2.00 -10.42
N MET A 92 8.85 -1.31 -10.93
CA MET A 92 8.99 -0.64 -12.22
C MET A 92 9.83 0.64 -12.16
N LEU A 93 10.02 1.23 -10.97
CA LEU A 93 10.72 2.50 -10.84
C LEU A 93 12.17 2.27 -10.41
N LYS A 94 13.11 2.79 -11.22
CA LYS A 94 14.54 2.67 -10.99
C LYS A 94 15.14 4.04 -10.73
N VAL A 95 16.30 4.04 -10.07
CA VAL A 95 17.00 5.30 -9.78
C VAL A 95 17.25 6.07 -11.07
N GLU A 96 17.56 5.37 -12.17
CA GLU A 96 17.84 6.04 -13.43
C GLU A 96 16.70 6.96 -13.86
N HIS A 97 15.46 6.51 -13.65
CA HIS A 97 14.30 7.31 -14.00
C HIS A 97 14.25 8.60 -13.20
N ILE A 98 14.47 8.49 -11.89
CA ILE A 98 14.43 9.67 -11.03
C ILE A 98 15.51 10.66 -11.44
N LEU A 99 16.73 10.17 -11.73
CA LEU A 99 17.83 11.07 -12.06
C LEU A 99 17.57 11.81 -13.36
N GLU A 100 16.99 11.13 -14.35
CA GLU A 100 16.71 11.77 -15.63
C GLU A 100 15.69 12.89 -15.45
N ALA A 101 14.64 12.62 -14.65
CA ALA A 101 13.60 13.62 -14.42
C ALA A 101 14.15 14.79 -13.61
N LYS A 102 14.99 14.52 -12.60
CA LYS A 102 15.61 15.62 -11.85
C LYS A 102 16.48 16.48 -12.75
N ARG A 103 17.12 15.88 -13.74
CA ARG A 103 17.94 16.66 -14.66
C ARG A 103 17.09 17.65 -15.43
N LYS A 104 15.92 17.20 -15.90
CA LYS A 104 15.05 18.07 -16.68
C LYS A 104 14.34 19.10 -15.81
N TYR A 105 13.96 18.73 -14.59
CA TYR A 105 13.19 19.61 -13.70
C TYR A 105 13.89 19.70 -12.35
N PRO A 106 15.05 20.39 -12.30
CA PRO A 106 15.79 20.45 -11.02
C PRO A 106 15.05 21.12 -9.89
N ASN A 107 14.08 21.99 -10.18
CA ASN A 107 13.32 22.66 -9.13
C ASN A 107 12.03 21.94 -8.77
N ALA A 108 11.76 20.77 -9.37
CA ALA A 108 10.56 20.02 -9.04
C ALA A 108 10.83 19.09 -7.85
N PRO A 109 10.01 19.13 -6.79
CA PRO A 109 10.14 18.13 -5.73
C PRO A 109 9.90 16.73 -6.28
N VAL A 110 10.63 15.76 -5.74
CA VAL A 110 10.49 14.36 -6.13
C VAL A 110 9.57 13.71 -5.10
N VAL A 111 8.41 13.28 -5.56
CA VAL A 111 7.35 12.73 -4.72
C VAL A 111 7.21 11.26 -5.09
N LEU A 112 7.59 10.36 -4.19
CA LEU A 112 7.56 8.94 -4.48
C LEU A 112 6.45 8.27 -3.67
N TYR A 113 5.59 7.56 -4.39
CA TYR A 113 4.66 6.63 -3.75
C TYR A 113 5.44 5.74 -2.79
N VAL A 114 4.86 5.46 -1.63
CA VAL A 114 5.49 4.49 -0.73
C VAL A 114 5.63 3.15 -1.41
N ASN A 115 4.85 2.87 -2.45
CA ASN A 115 5.06 1.68 -3.28
C ASN A 115 6.33 1.90 -4.10
N SER A 116 7.48 1.78 -3.45
CA SER A 116 8.76 2.01 -4.10
C SER A 116 9.89 1.39 -3.30
N THR A 117 11.01 1.13 -3.96
CA THR A 117 12.17 0.57 -3.28
C THR A 117 12.76 1.60 -2.31
N ALA A 118 13.50 1.11 -1.32
CA ALA A 118 14.19 2.02 -0.41
C ALA A 118 15.24 2.84 -1.16
N GLU A 119 15.91 2.22 -2.13
CA GLU A 119 16.85 2.95 -2.97
C GLU A 119 16.20 4.14 -3.64
N ALA A 120 15.01 3.94 -4.21
CA ALA A 120 14.32 5.04 -4.88
C ALA A 120 13.94 6.13 -3.90
N LYS A 121 13.41 5.75 -2.73
CA LYS A 121 13.03 6.74 -1.73
C LYS A 121 14.22 7.58 -1.27
N ALA A 122 15.44 7.06 -1.38
CA ALA A 122 16.61 7.86 -1.05
C ALA A 122 16.69 9.12 -1.88
N TYR A 123 16.06 9.13 -3.05
CA TYR A 123 16.07 10.30 -3.93
C TYR A 123 14.81 11.14 -3.81
N ALA A 124 13.89 10.80 -2.92
CA ALA A 124 12.65 11.52 -2.80
C ALA A 124 12.80 12.69 -1.83
N ASP A 125 12.07 13.77 -2.11
CA ASP A 125 11.92 14.82 -1.13
C ASP A 125 10.88 14.45 -0.08
N VAL A 126 9.82 13.75 -0.52
CA VAL A 126 8.75 13.32 0.37
C VAL A 126 8.13 12.07 -0.25
N THR A 127 7.64 11.18 0.59
CA THR A 127 6.86 10.03 0.11
C THR A 127 5.38 10.34 0.23
N VAL A 128 4.56 9.54 -0.46
CA VAL A 128 3.11 9.65 -0.40
C VAL A 128 2.51 8.25 -0.48
N THR A 129 1.24 8.17 -0.09
CA THR A 129 0.41 7.00 -0.34
C THR A 129 -0.83 7.49 -1.07
N SER A 130 -1.69 6.54 -1.48
CA SER A 130 -2.93 6.94 -2.13
C SER A 130 -3.79 7.80 -1.21
N ALA A 131 -3.59 7.66 0.11
CA ALA A 131 -4.42 8.37 1.07
C ALA A 131 -4.05 9.84 1.20
N ASN A 132 -2.77 10.19 1.02
CA ASN A 132 -2.34 11.57 1.25
C ASN A 132 -1.67 12.22 0.05
N ALA A 133 -1.64 11.57 -1.12
CA ALA A 133 -0.93 12.12 -2.27
C ALA A 133 -1.44 13.50 -2.65
N VAL A 134 -2.76 13.68 -2.66
CA VAL A 134 -3.31 14.97 -3.09
C VAL A 134 -2.95 16.07 -2.10
N GLU A 135 -3.10 15.81 -0.80
CA GLU A 135 -2.79 16.81 0.22
C GLU A 135 -1.33 17.21 0.19
N VAL A 136 -0.43 16.22 0.09
CA VAL A 136 1.01 16.50 0.07
C VAL A 136 1.38 17.31 -1.17
N VAL A 137 0.93 16.86 -2.34
CA VAL A 137 1.34 17.55 -3.57
C VAL A 137 0.78 18.96 -3.60
N LYS A 138 -0.43 19.16 -3.07
CA LYS A 138 -1.02 20.49 -3.02
C LYS A 138 -0.16 21.47 -2.22
N LYS A 139 0.42 21.01 -1.11
CA LYS A 139 1.17 21.87 -0.21
C LYS A 139 2.63 22.07 -0.63
N LEU A 140 3.15 21.25 -1.52
CA LEU A 140 4.53 21.43 -1.95
C LEU A 140 4.68 22.76 -2.69
N ASP A 141 5.82 23.41 -2.48
CA ASP A 141 6.07 24.75 -3.00
C ASP A 141 6.63 24.66 -4.42
N SER A 142 5.77 24.27 -5.35
CA SER A 142 6.09 24.12 -6.76
C SER A 142 4.80 23.86 -7.52
N ASP A 143 4.75 24.32 -8.76
CA ASP A 143 3.63 24.02 -9.64
C ASP A 143 3.88 22.76 -10.45
N VAL A 144 5.06 22.15 -10.33
CA VAL A 144 5.34 20.89 -11.00
C VAL A 144 6.08 19.96 -10.04
N VAL A 145 5.70 18.69 -10.06
CA VAL A 145 6.31 17.69 -9.20
C VAL A 145 6.66 16.45 -10.02
N ILE A 146 7.75 15.80 -9.63
CA ILE A 146 8.11 14.48 -10.18
C ILE A 146 7.44 13.41 -9.31
N PHE A 147 6.75 12.46 -9.96
CA PHE A 147 5.82 11.58 -9.25
C PHE A 147 5.82 10.17 -9.84
N GLY A 148 5.95 9.16 -8.99
CA GLY A 148 5.77 7.78 -9.42
C GLY A 148 5.74 6.81 -8.27
N PRO A 149 5.62 5.50 -8.55
CA PRO A 149 5.62 4.90 -9.89
C PRO A 149 4.27 4.85 -10.62
N ASP A 150 3.15 5.07 -9.95
CA ASP A 150 1.85 4.70 -10.52
C ASP A 150 1.27 5.84 -11.36
N LYS A 151 1.10 5.56 -12.65
CA LYS A 151 0.59 6.60 -13.56
C LYS A 151 -0.89 6.85 -13.36
N ASN A 152 -1.66 5.85 -12.89
CA ASN A 152 -3.07 6.07 -12.67
C ASN A 152 -3.31 6.96 -11.44
N LEU A 153 -2.57 6.72 -10.36
CA LEU A 153 -2.60 7.65 -9.23
C LEU A 153 -2.11 9.04 -9.66
N ALA A 154 -1.08 9.08 -10.51
CA ALA A 154 -0.57 10.38 -10.97
C ALA A 154 -1.64 11.15 -11.71
N HIS A 155 -2.43 10.46 -12.53
CA HIS A 155 -3.54 11.09 -13.22
C HIS A 155 -4.53 11.68 -12.22
N TYR A 156 -4.85 10.92 -11.17
CA TYR A 156 -5.78 11.42 -10.16
C TYR A 156 -5.22 12.63 -9.43
N VAL A 157 -3.94 12.59 -9.08
CA VAL A 157 -3.31 13.72 -8.38
C VAL A 157 -3.28 14.96 -9.27
N ALA A 158 -2.97 14.80 -10.56
CA ALA A 158 -2.97 15.93 -11.48
C ALA A 158 -4.35 16.56 -11.53
N LYS A 159 -5.40 15.74 -11.62
CA LYS A 159 -6.76 16.25 -11.71
C LYS A 159 -7.13 17.03 -10.45
N MET A 160 -6.77 16.51 -9.28
CA MET A 160 -7.26 17.09 -8.03
C MET A 160 -6.43 18.29 -7.59
N THR A 161 -5.16 18.38 -7.98
CA THR A 161 -4.33 19.52 -7.56
C THR A 161 -4.18 20.58 -8.63
N GLY A 162 -4.44 20.25 -9.90
CA GLY A 162 -4.16 21.17 -10.98
C GLY A 162 -2.70 21.39 -11.28
N LYS A 163 -1.80 20.68 -10.61
CA LYS A 163 -0.38 20.88 -10.85
C LYS A 163 0.10 19.95 -11.97
N LYS A 164 1.30 20.23 -12.47
CA LYS A 164 1.89 19.47 -13.55
C LYS A 164 2.67 18.29 -12.95
N ILE A 165 2.34 17.09 -13.40
CA ILE A 165 2.89 15.87 -12.83
C ILE A 165 3.84 15.25 -13.85
N ILE A 166 5.10 15.09 -13.46
CA ILE A 166 6.08 14.43 -14.31
C ILE A 166 6.20 12.97 -13.88
N PRO A 167 5.63 12.00 -14.60
CA PRO A 167 5.66 10.61 -14.10
C PRO A 167 7.03 9.97 -14.25
N VAL A 168 7.39 9.17 -13.24
CA VAL A 168 8.55 8.29 -13.31
C VAL A 168 8.09 6.91 -12.84
N PRO A 169 8.29 5.85 -13.64
CA PRO A 169 8.72 5.80 -15.04
C PRO A 169 7.56 6.24 -15.93
N SER A 170 7.59 5.94 -17.23
CA SER A 170 6.51 6.41 -18.10
C SER A 170 5.27 5.53 -18.06
N LYS A 171 5.38 4.24 -17.70
CA LYS A 171 4.24 3.34 -17.79
C LYS A 171 3.97 2.60 -16.49
N GLY A 172 4.34 3.15 -15.34
CA GLY A 172 4.17 2.42 -14.09
C GLY A 172 2.71 2.20 -13.75
N HIS A 173 2.38 0.96 -13.34
CA HIS A 173 1.00 0.64 -13.01
C HIS A 173 0.95 -0.64 -12.21
N CYS A 174 -0.22 -0.90 -11.62
CA CYS A 174 -0.50 -2.12 -10.88
C CYS A 174 -1.36 -3.05 -11.74
N TYR A 175 -0.83 -4.25 -12.07
CA TYR A 175 -1.59 -5.17 -12.91
C TYR A 175 -2.91 -5.59 -12.25
N VAL A 176 -2.96 -5.63 -10.91
CA VAL A 176 -4.19 -6.02 -10.25
C VAL A 176 -5.28 -5.01 -10.53
N HIS A 177 -5.01 -3.74 -10.27
CA HIS A 177 -6.03 -2.71 -10.47
C HIS A 177 -6.26 -2.38 -11.93
N GLN A 178 -5.30 -2.65 -12.81
CA GLN A 178 -5.55 -2.47 -14.23
C GLN A 178 -6.54 -3.51 -14.79
N LYS A 179 -6.87 -4.55 -14.02
N LYS A 179 -6.87 -4.55 -14.02
CA LYS A 179 -7.86 -5.53 -14.49
CA LYS A 179 -7.85 -5.53 -14.47
C LYS A 179 -9.26 -4.93 -14.61
C LYS A 179 -9.26 -4.95 -14.58
N PHE A 180 -9.57 -3.91 -13.81
CA PHE A 180 -10.92 -3.37 -13.77
C PHE A 180 -11.25 -2.55 -15.02
N THR A 181 -12.43 -2.78 -15.58
CA THR A 181 -12.84 -2.11 -16.81
C THR A 181 -14.23 -1.51 -16.65
N LEU A 182 -14.62 -0.71 -17.66
CA LEU A 182 -15.98 -0.16 -17.70
C LEU A 182 -17.03 -1.26 -17.70
N ASP A 183 -16.71 -2.43 -18.28
CA ASP A 183 -17.68 -3.52 -18.25
C ASP A 183 -17.90 -4.04 -16.84
N ASP A 184 -16.86 -3.99 -15.99
CA ASP A 184 -17.05 -4.38 -14.59
C ASP A 184 -17.94 -3.39 -13.86
N VAL A 185 -17.83 -2.10 -14.20
CA VAL A 185 -18.71 -1.09 -13.63
C VAL A 185 -20.16 -1.34 -14.05
N GLU A 186 -20.37 -1.63 -15.34
CA GLU A 186 -21.72 -1.87 -15.83
C GLU A 186 -22.32 -3.12 -15.19
N ARG A 187 -21.54 -4.19 -15.05
CA ARG A 187 -22.04 -5.42 -14.44
C ARG A 187 -22.35 -5.21 -12.96
N ALA A 188 -21.52 -4.45 -12.25
CA ALA A 188 -21.78 -4.19 -10.84
C ALA A 188 -23.08 -3.41 -10.67
N LYS A 189 -23.30 -2.42 -11.53
CA LYS A 189 -24.52 -1.62 -11.48
C LYS A 189 -25.74 -2.47 -11.79
N LYS A 190 -25.61 -3.46 -12.66
CA LYS A 190 -26.75 -4.32 -12.98
C LYS A 190 -27.01 -5.34 -11.88
N LEU A 191 -25.96 -5.91 -11.30
CA LEU A 191 -26.13 -6.96 -10.30
C LEU A 191 -26.49 -6.41 -8.93
N HIS A 192 -26.01 -5.21 -8.60
CA HIS A 192 -26.19 -4.61 -7.27
C HIS A 192 -26.61 -3.16 -7.46
N PRO A 193 -27.83 -2.93 -7.96
CA PRO A 193 -28.24 -1.57 -8.33
C PRO A 193 -28.39 -0.62 -7.16
N ASN A 194 -28.42 -1.11 -5.92
CA ASN A 194 -28.50 -0.26 -4.74
C ASN A 194 -27.13 0.01 -4.13
N ALA A 195 -26.07 -0.53 -4.70
CA ALA A 195 -24.74 -0.37 -4.13
C ALA A 195 -24.04 0.85 -4.71
N LYS A 196 -23.19 1.46 -3.90
CA LYS A 196 -22.28 2.48 -4.39
C LYS A 196 -20.90 1.86 -4.65
N LEU A 197 -20.09 2.56 -5.43
CA LEU A 197 -18.82 1.99 -5.92
C LEU A 197 -17.66 2.66 -5.20
N MET A 198 -16.82 1.88 -4.53
CA MET A 198 -15.57 2.40 -3.99
C MET A 198 -14.42 1.92 -4.88
N ILE A 199 -13.64 2.85 -5.40
CA ILE A 199 -12.68 2.57 -6.45
C ILE A 199 -11.30 3.08 -6.04
N HIS A 200 -10.30 2.22 -6.15
CA HIS A 200 -8.94 2.60 -5.81
C HIS A 200 -8.37 3.51 -6.91
N PRO A 201 -7.62 4.55 -6.54
CA PRO A 201 -6.99 5.40 -7.56
C PRO A 201 -5.92 4.70 -8.40
N GLU A 202 -5.54 3.46 -8.09
CA GLU A 202 -4.68 2.71 -9.01
C GLU A 202 -5.46 2.14 -10.21
N CYS A 203 -6.79 2.26 -10.21
CA CYS A 203 -7.59 1.90 -11.39
C CYS A 203 -7.42 2.93 -12.50
N ILE A 204 -7.73 2.52 -13.72
CA ILE A 204 -7.54 3.41 -14.87
C ILE A 204 -8.48 4.61 -14.77
N PRO A 205 -8.13 5.74 -15.38
CA PRO A 205 -8.92 6.96 -15.17
C PRO A 205 -10.39 6.84 -15.57
N GLU A 206 -10.71 6.10 -16.63
CA GLU A 206 -12.10 6.02 -17.03
C GLU A 206 -12.93 5.22 -16.03
N VAL A 207 -12.29 4.31 -15.27
CA VAL A 207 -13.00 3.63 -14.19
C VAL A 207 -13.10 4.54 -12.97
N GLN A 208 -12.02 5.26 -12.65
CA GLN A 208 -12.08 6.24 -11.56
C GLN A 208 -13.26 7.19 -11.71
N GLU A 209 -13.55 7.60 -12.95
CA GLU A 209 -14.62 8.56 -13.20
C GLU A 209 -16.01 7.99 -12.90
N LYS A 210 -16.14 6.67 -12.77
CA LYS A 210 -17.42 6.05 -12.43
C LYS A 210 -17.61 5.90 -10.92
N ALA A 211 -16.62 6.29 -10.13
CA ALA A 211 -16.63 5.98 -8.70
C ALA A 211 -17.63 6.85 -7.94
N ASP A 212 -18.22 6.27 -6.89
CA ASP A 212 -18.86 7.10 -5.89
C ASP A 212 -17.82 7.67 -4.93
N ILE A 213 -16.84 6.87 -4.53
CA ILE A 213 -15.68 7.38 -3.81
C ILE A 213 -14.42 6.80 -4.43
N ILE A 214 -13.39 7.64 -4.51
CA ILE A 214 -12.03 7.25 -4.88
C ILE A 214 -11.20 7.28 -3.61
N ALA A 215 -10.58 6.16 -3.26
CA ALA A 215 -9.91 6.09 -1.97
C ALA A 215 -8.92 4.95 -1.92
N SER A 216 -7.88 5.12 -1.10
CA SER A 216 -7.04 4.01 -0.67
C SER A 216 -7.88 3.04 0.14
N THR A 217 -7.33 1.85 0.42
CA THR A 217 -8.07 0.93 1.27
C THR A 217 -8.37 1.54 2.63
N GLY A 218 -7.47 2.38 3.16
CA GLY A 218 -7.76 3.05 4.42
C GLY A 218 -8.91 4.02 4.29
N GLY A 219 -8.95 4.76 3.16
CA GLY A 219 -10.07 5.64 2.89
C GLY A 219 -11.38 4.90 2.66
N MET A 220 -11.31 3.72 2.04
CA MET A 220 -12.51 2.90 1.88
C MET A 220 -13.11 2.54 3.23
N ILE A 221 -12.25 2.17 4.19
CA ILE A 221 -12.73 1.85 5.53
C ILE A 221 -13.31 3.09 6.20
N LYS A 222 -12.66 4.25 6.02
CA LYS A 222 -13.15 5.46 6.67
C LYS A 222 -14.51 5.88 6.13
N ARG A 223 -14.74 5.71 4.83
CA ARG A 223 -15.94 6.25 4.20
C ARG A 223 -17.04 5.20 3.98
N ALA A 224 -16.81 3.96 4.38
CA ALA A 224 -17.83 2.94 4.20
C ALA A 224 -19.09 3.26 5.00
N CYS A 225 -18.98 4.07 6.06
CA CYS A 225 -20.15 4.46 6.83
C CYS A 225 -21.15 5.29 6.03
N GLU A 226 -20.78 5.76 4.84
CA GLU A 226 -21.64 6.65 4.06
C GLU A 226 -22.74 5.92 3.30
N TRP A 227 -22.72 4.60 3.25
CA TRP A 227 -23.76 3.84 2.55
C TRP A 227 -23.76 2.42 3.11
N ASP A 228 -24.85 1.68 2.84
CA ASP A 228 -24.98 0.34 3.41
C ASP A 228 -24.59 -0.79 2.46
N GLU A 229 -24.33 -0.52 1.18
CA GLU A 229 -23.94 -1.55 0.21
C GLU A 229 -22.88 -0.99 -0.71
N TRP A 230 -21.80 -1.75 -0.92
CA TRP A 230 -20.67 -1.29 -1.71
C TRP A 230 -20.13 -2.38 -2.62
N VAL A 231 -19.82 -2.01 -3.87
CA VAL A 231 -19.01 -2.82 -4.76
C VAL A 231 -17.57 -2.31 -4.68
N VAL A 232 -16.63 -3.22 -4.49
CA VAL A 232 -15.27 -2.88 -4.06
C VAL A 232 -14.31 -3.11 -5.22
N PHE A 233 -13.82 -2.01 -5.81
CA PHE A 233 -12.87 -2.07 -6.94
C PHE A 233 -11.43 -1.98 -6.42
N THR A 234 -11.00 -3.06 -5.78
CA THR A 234 -9.60 -3.24 -5.39
C THR A 234 -9.37 -4.73 -5.22
N GLU A 235 -8.17 -5.10 -4.74
CA GLU A 235 -7.81 -6.49 -4.53
C GLU A 235 -8.87 -7.20 -3.69
N ARG A 236 -9.24 -8.42 -4.08
CA ARG A 236 -10.49 -8.99 -3.58
C ARG A 236 -10.47 -9.32 -2.09
N GLU A 237 -9.28 -9.46 -1.46
CA GLU A 237 -9.27 -9.73 -0.02
C GLU A 237 -9.76 -8.53 0.77
N MET A 238 -9.84 -7.35 0.15
CA MET A 238 -10.40 -6.20 0.85
C MET A 238 -11.87 -6.43 1.22
N VAL A 239 -12.59 -7.24 0.43
CA VAL A 239 -13.99 -7.56 0.75
C VAL A 239 -14.07 -8.24 2.12
N TYR A 240 -13.15 -9.18 2.40
CA TYR A 240 -13.15 -9.84 3.71
C TYR A 240 -12.90 -8.84 4.83
N ARG A 241 -11.93 -7.95 4.63
CA ARG A 241 -11.63 -6.94 5.64
C ARG A 241 -12.86 -6.08 5.93
N LEU A 242 -13.53 -5.61 4.88
CA LEU A 242 -14.70 -4.75 5.06
C LEU A 242 -15.85 -5.50 5.73
N ARG A 243 -16.08 -6.76 5.36
CA ARG A 243 -17.15 -7.53 5.97
C ARG A 243 -16.90 -7.77 7.45
N LYS A 244 -15.64 -7.93 7.85
CA LYS A 244 -15.34 -8.12 9.26
C LYS A 244 -15.54 -6.83 10.05
N LEU A 245 -15.17 -5.70 9.46
CA LEU A 245 -15.32 -4.43 10.18
C LEU A 245 -16.78 -4.02 10.30
N TYR A 246 -17.58 -4.28 9.26
CA TYR A 246 -18.96 -3.82 9.17
C TYR A 246 -19.86 -4.99 8.83
N PRO A 247 -20.12 -5.88 9.80
CA PRO A 247 -20.96 -7.06 9.49
C PRO A 247 -22.37 -6.71 9.05
N GLN A 248 -22.86 -5.51 9.37
CA GLN A 248 -24.22 -5.12 9.02
C GLN A 248 -24.36 -4.59 7.60
N LYS A 249 -23.25 -4.28 6.93
CA LYS A 249 -23.29 -3.78 5.56
C LYS A 249 -23.15 -4.94 4.59
N LYS A 250 -23.29 -4.65 3.29
CA LYS A 250 -23.03 -5.64 2.25
C LYS A 250 -21.91 -5.15 1.38
N PHE A 251 -20.97 -6.05 1.07
CA PHE A 251 -19.82 -5.75 0.22
C PHE A 251 -19.74 -6.81 -0.85
N TYR A 252 -19.45 -6.40 -2.10
CA TYR A 252 -19.31 -7.31 -3.22
C TYR A 252 -18.00 -7.04 -3.93
N PRO A 253 -17.25 -8.07 -4.32
CA PRO A 253 -16.07 -7.82 -5.17
C PRO A 253 -16.49 -7.33 -6.55
N ALA A 254 -15.76 -6.33 -7.06
CA ALA A 254 -15.94 -5.93 -8.45
C ALA A 254 -15.47 -7.04 -9.40
N ARG A 255 -14.40 -7.74 -9.01
CA ARG A 255 -13.87 -8.91 -9.71
C ARG A 255 -13.24 -9.81 -8.67
N GLU A 256 -13.74 -11.04 -8.56
CA GLU A 256 -13.09 -12.00 -7.69
C GLU A 256 -11.65 -12.30 -8.12
N ASP A 257 -11.32 -12.19 -9.43
CA ASP A 257 -9.99 -12.53 -9.91
C ASP A 257 -8.98 -11.37 -9.82
N ALA A 258 -9.31 -10.31 -9.09
CA ALA A 258 -8.35 -9.24 -8.81
C ALA A 258 -7.51 -9.66 -7.62
N PHE A 259 -6.47 -10.45 -7.90
N PHE A 259 -6.36 -10.27 -7.93
CA PHE A 259 -5.60 -10.94 -6.85
CA PHE A 259 -5.56 -11.04 -6.98
C PHE A 259 -4.18 -10.46 -7.07
C PHE A 259 -4.11 -10.61 -7.08
N CYS A 260 -3.52 -10.17 -5.96
CA CYS A 260 -2.10 -9.81 -5.93
C CYS A 260 -1.28 -11.05 -5.56
N ILE A 261 -0.52 -11.57 -6.52
CA ILE A 261 0.30 -12.76 -6.27
C ILE A 261 1.33 -12.47 -5.17
N GLY A 262 1.93 -11.29 -5.18
CA GLY A 262 2.92 -10.97 -4.15
C GLY A 262 2.35 -11.00 -2.75
N MET A 263 1.18 -10.38 -2.57
CA MET A 263 0.53 -10.42 -1.26
C MET A 263 0.28 -11.85 -0.80
N LYS A 264 -0.15 -12.71 -1.72
CA LYS A 264 -0.48 -14.08 -1.34
C LYS A 264 0.73 -14.99 -1.28
N ALA A 265 1.94 -14.45 -1.35
CA ALA A 265 3.12 -15.23 -0.98
C ALA A 265 3.16 -15.46 0.52
N ILE A 266 2.43 -14.65 1.30
CA ILE A 266 2.41 -14.78 2.75
C ILE A 266 1.32 -15.78 3.14
N THR A 267 1.69 -16.77 3.95
CA THR A 267 0.77 -17.81 4.38
C THR A 267 0.83 -17.94 5.89
N LEU A 268 -0.16 -18.61 6.47
CA LEU A 268 -0.08 -18.85 7.90
C LEU A 268 1.17 -19.65 8.24
N LYS A 269 1.49 -20.66 7.41
CA LYS A 269 2.65 -21.49 7.69
C LYS A 269 3.94 -20.67 7.68
N ASN A 270 4.13 -19.77 6.71
CA ASN A 270 5.42 -19.09 6.78
C ASN A 270 5.45 -17.93 7.77
N ILE A 271 4.31 -17.47 8.27
CA ILE A 271 4.33 -16.61 9.46
C ILE A 271 4.82 -17.40 10.68
N TYR A 272 4.33 -18.62 10.84
CA TYR A 272 4.86 -19.49 11.89
C TYR A 272 6.36 -19.70 11.74
N GLU A 273 6.81 -20.03 10.53
CA GLU A 273 8.23 -20.25 10.30
C GLU A 273 9.03 -18.98 10.51
N SER A 274 8.48 -17.82 10.18
N SER A 274 8.46 -17.82 10.20
CA SER A 274 9.17 -16.56 10.42
CA SER A 274 9.12 -16.54 10.39
C SER A 274 9.49 -16.39 11.89
C SER A 274 9.45 -16.30 11.86
N LEU A 275 8.47 -16.54 12.74
CA LEU A 275 8.69 -16.41 14.17
C LEU A 275 9.59 -17.52 14.71
N LYS A 276 9.39 -18.75 14.24
CA LYS A 276 10.19 -19.86 14.75
C LYS A 276 11.67 -19.66 14.47
N ASP A 277 12.00 -19.21 13.25
CA ASP A 277 13.37 -19.18 12.78
C ASP A 277 13.97 -17.79 12.71
N MET A 278 13.20 -16.76 13.07
CA MET A 278 13.61 -15.36 12.99
C MET A 278 14.08 -14.99 11.58
N LYS A 279 13.22 -15.25 10.60
CA LYS A 279 13.51 -15.00 9.18
C LYS A 279 12.27 -14.41 8.49
N TYR A 280 12.39 -13.77 7.33
CA TYR A 280 13.64 -13.32 6.73
C TYR A 280 13.93 -11.90 7.19
N LYS A 281 15.12 -11.70 7.75
CA LYS A 281 15.48 -10.40 8.32
C LYS A 281 15.58 -9.35 7.24
N VAL A 282 14.87 -8.24 7.43
CA VAL A 282 14.85 -7.13 6.47
C VAL A 282 15.90 -6.12 6.88
N GLU A 283 16.80 -5.77 5.94
CA GLU A 283 17.86 -4.82 6.22
C GLU A 283 17.86 -3.76 5.14
N VAL A 284 18.19 -2.54 5.56
CA VAL A 284 18.27 -1.41 4.62
C VAL A 284 19.61 -0.72 4.86
N PRO A 285 20.41 -0.49 3.81
CA PRO A 285 21.68 0.22 3.98
C PRO A 285 21.50 1.56 4.66
N GLU A 286 22.42 1.89 5.59
CA GLU A 286 22.26 3.06 6.45
C GLU A 286 22.14 4.35 5.64
N GLU A 287 22.96 4.51 4.60
CA GLU A 287 22.90 5.74 3.81
C GLU A 287 21.55 5.87 3.10
N ILE A 288 21.04 4.77 2.54
CA ILE A 288 19.73 4.76 1.91
C ILE A 288 18.63 4.97 2.95
N ALA A 289 18.73 4.30 4.10
CA ALA A 289 17.70 4.39 5.13
C ALA A 289 17.57 5.81 5.68
N ARG A 290 18.70 6.48 5.93
CA ARG A 290 18.68 7.83 6.46
C ARG A 290 17.97 8.79 5.50
N LYS A 291 18.31 8.72 4.22
CA LYS A 291 17.69 9.59 3.23
C LYS A 291 16.21 9.24 3.05
N ALA A 292 15.91 7.93 2.98
CA ALA A 292 14.52 7.54 2.91
C ALA A 292 13.75 8.01 4.14
N ARG A 293 14.36 7.84 5.32
N ARG A 293 14.35 7.85 5.32
CA ARG A 293 13.70 8.26 6.56
CA ARG A 293 13.64 8.26 6.53
C ARG A 293 13.33 9.74 6.51
C ARG A 293 13.31 9.75 6.50
N LYS A 294 14.21 10.58 5.94
CA LYS A 294 13.93 12.00 5.86
C LYS A 294 12.66 12.27 5.05
N ALA A 295 12.48 11.54 3.95
CA ALA A 295 11.30 11.75 3.10
C ALA A 295 10.04 11.18 3.76
N ILE A 296 10.15 10.06 4.48
CA ILE A 296 8.99 9.45 5.10
C ILE A 296 8.52 10.27 6.29
N GLU A 297 9.47 10.74 7.12
CA GLU A 297 9.12 11.62 8.23
C GLU A 297 8.45 12.89 7.72
N ARG A 298 8.93 13.44 6.60
CA ARG A 298 8.27 14.61 6.04
C ARG A 298 6.85 14.28 5.59
N MET A 299 6.65 13.07 5.06
CA MET A 299 5.30 12.65 4.70
C MET A 299 4.40 12.61 5.92
N LEU A 300 4.87 11.99 6.99
CA LEU A 300 4.07 11.92 8.21
C LEU A 300 3.80 13.30 8.78
N GLU A 301 4.72 14.24 8.60
CA GLU A 301 4.53 15.60 9.12
C GLU A 301 3.54 16.39 8.28
N MET A 302 3.38 16.03 7.01
CA MET A 302 2.47 16.74 6.16
C MET A 302 1.10 16.10 6.11
FE1 SF4 B . 1.80 -3.89 -5.75
FE2 SF4 B . 0.18 -5.96 -5.33
FE3 SF4 B . -0.58 -3.92 -6.95
FE4 SF4 B . -0.34 -3.50 -4.33
S1 SF4 B . -1.81 -4.90 -5.39
S2 SF4 B . 0.40 -2.16 -6.02
S3 SF4 B . 1.35 -4.91 -3.79
S4 SF4 B . 1.16 -5.36 -7.33
CL CL C . -20.26 0.32 12.58
C1 ITN D . -3.81 0.43 -0.22
C2 ITN D . -2.53 0.18 -0.96
C3 ITN D . -1.83 1.47 -1.29
C5 ITN D . -1.85 2.64 -0.38
O3 ITN D . -1.36 3.69 -0.76
O4 ITN D . -2.34 2.57 0.74
C4 ITN D . -1.19 1.52 -2.45
O1 ITN D . -4.02 -0.21 0.79
O2 ITN D . -4.61 1.26 -0.64
N NH4 E . 7.95 30.11 -2.39
#